data_7CLA
#
_entry.id   7CLA
#
_cell.length_a   89.572
_cell.length_b   89.572
_cell.length_c   88.961
_cell.angle_alpha   90.000
_cell.angle_beta   90.000
_cell.angle_gamma   120.000
#
_symmetry.space_group_name_H-M   'P 65 2 2'
#
loop_
_entity.id
_entity.type
_entity.pdbx_description
1 polymer 'HTH-type transcriptional regulator SkgA'
2 water water
#
_entity_poly.entity_id   1
_entity_poly.type   'polypeptide(L)'
_entity_poly.pdbx_seq_one_letter_code
;MHHHHHHMSVYTVKQMARLSGVSVRALHHYDAIGLLKPRAVGANGYRYYDRQDLLRLQQILFHRALETPLKDIQAALDQP
GFDLAAALRAQRERLAAQAERYARLVDVVDRTLADLEGDETMDDKHLFEGFDPEKQARHEAWLVEHYGDEATRRIADAKA
GMKSWGKKDWSQFQEEAKAIEHDLAKALTQGLPVDSAPVTAIMRRHWAWVGRSWNREPTPDAFAGLGHLYQANPEFTARY
EAIAPGLTEYFSEAMRAFARGR
;
_entity_poly.pdbx_strand_id   A
#
# COMPACT_ATOMS: atom_id res chain seq x y z
N HIS A 7 8.72 -18.47 10.26
CA HIS A 7 10.18 -18.56 10.60
C HIS A 7 10.87 -19.60 9.70
N MET A 8 10.79 -20.89 10.03
CA MET A 8 11.44 -21.98 9.22
C MET A 8 10.44 -22.48 8.17
N SER A 9 9.13 -22.20 8.35
CA SER A 9 8.05 -22.58 7.43
C SER A 9 8.34 -22.10 6.00
N VAL A 10 8.05 -22.94 5.01
CA VAL A 10 8.19 -22.58 3.58
C VAL A 10 6.89 -23.04 2.88
N TYR A 11 6.54 -22.37 1.79
CA TYR A 11 5.17 -22.37 1.23
C TYR A 11 5.26 -22.57 -0.27
N THR A 12 4.34 -23.37 -0.82
CA THR A 12 4.11 -23.49 -2.29
C THR A 12 3.31 -22.27 -2.71
N VAL A 13 3.11 -22.14 -3.99
CA VAL A 13 2.32 -21.03 -4.51
C VAL A 13 0.90 -21.11 -3.94
N LYS A 14 0.31 -22.29 -3.92
CA LYS A 14 -1.06 -22.49 -3.40
C LYS A 14 -1.14 -22.02 -1.95
N GLN A 15 -0.15 -22.36 -1.16
CA GLN A 15 -0.13 -22.01 0.28
C GLN A 15 0.10 -20.50 0.42
N MET A 16 0.98 -19.90 -0.40
CA MET A 16 1.38 -18.48 -0.27
C MET A 16 0.15 -17.62 -0.60
N ALA A 17 -0.61 -18.02 -1.62
CA ALA A 17 -1.89 -17.38 -2.01
C ALA A 17 -2.84 -17.37 -0.81
N ARG A 18 -3.14 -18.54 -0.27
CA ARG A 18 -4.07 -18.75 0.87
C ARG A 18 -3.61 -17.94 2.09
N LEU A 19 -2.34 -17.97 2.42
CA LEU A 19 -1.78 -17.20 3.56
C LEU A 19 -1.89 -15.69 3.36
N SER A 20 -1.56 -15.18 2.17
CA SER A 20 -1.31 -13.75 1.88
C SER A 20 -2.56 -13.06 1.33
N GLY A 21 -3.48 -13.82 0.74
CA GLY A 21 -4.63 -13.26 0.02
C GLY A 21 -4.28 -12.78 -1.39
N VAL A 22 -3.03 -12.86 -1.82
CA VAL A 22 -2.64 -12.58 -3.23
C VAL A 22 -2.95 -13.85 -4.05
N SER A 23 -3.38 -13.72 -5.28
CA SER A 23 -3.81 -14.91 -6.05
C SER A 23 -2.57 -15.62 -6.58
N VAL A 24 -2.74 -16.89 -6.89
CA VAL A 24 -1.77 -17.70 -7.68
C VAL A 24 -1.39 -17.00 -8.99
N ARG A 25 -2.35 -16.36 -9.68
CA ARG A 25 -2.12 -15.58 -10.92
C ARG A 25 -1.09 -14.49 -10.62
N ALA A 26 -1.37 -13.64 -9.65
CA ALA A 26 -0.43 -12.55 -9.32
C ALA A 26 0.95 -13.09 -8.92
N LEU A 27 1.03 -14.16 -8.14
CA LEU A 27 2.35 -14.58 -7.61
C LEU A 27 3.24 -15.11 -8.74
N HIS A 28 2.63 -15.72 -9.73
CA HIS A 28 3.32 -16.24 -10.93
C HIS A 28 3.82 -15.06 -11.77
N HIS A 29 3.04 -14.00 -11.83
CA HIS A 29 3.41 -12.75 -12.53
C HIS A 29 4.54 -12.05 -11.79
N TYR A 30 4.43 -11.96 -10.46
CA TYR A 30 5.46 -11.33 -9.61
C TYR A 30 6.75 -12.12 -9.77
N ASP A 31 6.62 -13.43 -9.93
CA ASP A 31 7.79 -14.34 -10.12
C ASP A 31 8.43 -14.10 -11.49
N ALA A 32 7.61 -14.02 -12.53
CA ALA A 32 8.09 -13.94 -13.92
C ALA A 32 8.91 -12.65 -14.08
N ILE A 33 8.40 -11.54 -13.50
CA ILE A 33 8.99 -10.18 -13.69
C ILE A 33 10.10 -9.91 -12.65
N GLY A 34 10.49 -10.87 -11.82
CA GLY A 34 11.66 -10.79 -10.94
C GLY A 34 11.36 -10.03 -9.65
N LEU A 35 10.12 -9.60 -9.50
CA LEU A 35 9.67 -8.86 -8.30
C LEU A 35 9.73 -9.74 -7.05
N LEU A 36 9.23 -10.98 -7.13
CA LEU A 36 9.20 -11.94 -6.00
C LEU A 36 9.37 -13.34 -6.53
N LYS A 37 10.59 -13.87 -6.41
CA LYS A 37 11.02 -15.20 -6.86
C LYS A 37 11.22 -16.10 -5.64
N PRO A 38 10.47 -17.21 -5.46
CA PRO A 38 10.68 -18.08 -4.31
C PRO A 38 12.16 -18.50 -4.25
N ARG A 39 12.83 -18.06 -3.18
CA ARG A 39 14.27 -18.29 -2.86
C ARG A 39 14.51 -19.75 -2.48
N ALA A 40 13.82 -20.23 -1.45
CA ALA A 40 14.02 -21.60 -0.94
C ALA A 40 13.76 -22.64 -2.03
N VAL A 41 14.77 -23.45 -2.30
CA VAL A 41 14.66 -24.54 -3.31
C VAL A 41 14.90 -25.85 -2.57
N GLY A 42 14.04 -26.83 -2.82
CA GLY A 42 14.18 -28.19 -2.26
C GLY A 42 15.10 -29.04 -3.13
N ALA A 43 15.25 -30.31 -2.74
CA ALA A 43 16.10 -31.26 -3.49
C ALA A 43 15.37 -31.77 -4.72
N ASN A 44 14.04 -31.54 -4.78
CA ASN A 44 13.21 -31.98 -5.93
C ASN A 44 13.11 -30.83 -6.95
N GLY A 45 14.00 -29.85 -6.84
CA GLY A 45 14.00 -28.68 -7.76
C GLY A 45 12.80 -27.73 -7.56
N TYR A 46 11.86 -28.04 -6.68
CA TYR A 46 10.71 -27.15 -6.39
C TYR A 46 11.22 -25.95 -5.58
N ARG A 47 10.54 -24.84 -5.83
CA ARG A 47 10.78 -23.50 -5.25
C ARG A 47 9.67 -23.17 -4.26
N TYR A 48 10.07 -22.69 -3.09
CA TYR A 48 9.20 -22.39 -1.93
C TYR A 48 9.53 -21.01 -1.44
N TYR A 49 8.49 -20.31 -1.00
CA TYR A 49 8.62 -19.00 -0.37
C TYR A 49 9.01 -19.23 1.07
N ASP A 50 10.05 -18.51 1.49
CA ASP A 50 10.47 -18.56 2.91
C ASP A 50 10.11 -17.23 3.58
N ARG A 51 10.39 -17.12 4.87
CA ARG A 51 10.17 -15.91 5.69
C ARG A 51 10.65 -14.65 4.99
N GLN A 52 11.81 -14.64 4.36
CA GLN A 52 12.38 -13.44 3.67
C GLN A 52 11.46 -13.06 2.50
N ASP A 53 10.96 -14.05 1.77
CA ASP A 53 10.00 -13.88 0.65
C ASP A 53 8.67 -13.31 1.21
N LEU A 54 8.23 -13.79 2.38
CA LEU A 54 6.96 -13.32 2.99
C LEU A 54 7.09 -11.83 3.32
N LEU A 55 8.25 -11.45 3.84
CA LEU A 55 8.53 -10.05 4.21
C LEU A 55 8.61 -9.18 2.94
N ARG A 56 9.21 -9.69 1.85
CA ARG A 56 9.23 -8.96 0.57
C ARG A 56 7.79 -8.85 0.06
N LEU A 57 6.97 -9.90 0.12
CA LEU A 57 5.57 -9.77 -0.35
C LEU A 57 4.84 -8.73 0.51
N GLN A 58 5.03 -8.72 1.84
CA GLN A 58 4.42 -7.71 2.73
C GLN A 58 4.84 -6.29 2.27
N GLN A 59 6.10 -6.12 1.91
CA GLN A 59 6.61 -4.84 1.36
C GLN A 59 5.81 -4.49 0.10
N ILE A 60 5.63 -5.42 -0.82
CA ILE A 60 4.84 -5.17 -2.06
C ILE A 60 3.41 -4.74 -1.68
N LEU A 61 2.79 -5.37 -0.65
CA LEU A 61 1.38 -5.04 -0.32
C LEU A 61 1.30 -3.66 0.35
N PHE A 62 2.31 -3.29 1.12
CA PHE A 62 2.37 -1.96 1.75
C PHE A 62 2.51 -0.95 0.62
N HIS A 63 3.39 -1.20 -0.35
CA HIS A 63 3.59 -0.25 -1.49
C HIS A 63 2.27 -0.06 -2.23
N ARG A 64 1.54 -1.14 -2.46
CA ARG A 64 0.27 -1.05 -3.20
C ARG A 64 -0.80 -0.34 -2.37
N ALA A 65 -0.76 -0.47 -1.06
CA ALA A 65 -1.69 0.25 -0.20
C ALA A 65 -1.41 1.74 -0.37
N LEU A 66 -0.14 2.08 -0.55
CA LEU A 66 0.33 3.47 -0.67
C LEU A 66 0.45 3.89 -2.14
N GLU A 67 -0.23 3.17 -3.03
CA GLU A 67 -0.39 3.45 -4.48
C GLU A 67 0.94 3.66 -5.20
N THR A 68 2.03 3.01 -4.75
CA THR A 68 3.31 2.93 -5.51
C THR A 68 3.09 2.09 -6.76
N PRO A 69 3.58 2.57 -7.94
CA PRO A 69 3.41 1.81 -9.17
C PRO A 69 4.38 0.62 -9.23
N LEU A 70 3.88 -0.48 -9.78
CA LEU A 70 4.56 -1.79 -9.84
C LEU A 70 6.05 -1.65 -10.17
N LYS A 71 6.46 -0.90 -11.21
CA LYS A 71 7.91 -0.85 -11.55
C LYS A 71 8.69 -0.15 -10.43
N ASP A 72 8.10 0.87 -9.79
CA ASP A 72 8.78 1.65 -8.74
C ASP A 72 9.10 0.74 -7.57
N ILE A 73 8.23 -0.27 -7.33
CA ILE A 73 8.37 -1.24 -6.21
C ILE A 73 9.70 -2.00 -6.35
N GLN A 74 9.94 -2.59 -7.53
CA GLN A 74 11.17 -3.37 -7.75
C GLN A 74 12.38 -2.54 -7.32
N ALA A 75 12.43 -1.32 -7.86
CA ALA A 75 13.52 -0.34 -7.69
C ALA A 75 13.77 -0.14 -6.20
N ALA A 76 12.69 0.10 -5.48
CA ALA A 76 12.71 0.48 -4.05
C ALA A 76 13.21 -0.71 -3.21
N LEU A 77 12.80 -1.92 -3.58
CA LEU A 77 13.16 -3.14 -2.83
C LEU A 77 14.58 -3.56 -3.16
N ASP A 78 15.04 -3.33 -4.39
CA ASP A 78 16.36 -3.82 -4.88
C ASP A 78 17.44 -2.76 -4.57
N GLN A 79 17.06 -1.58 -4.05
CA GLN A 79 18.00 -0.49 -3.68
C GLN A 79 19.15 -1.09 -2.87
N PRO A 80 20.44 -0.75 -3.14
CA PRO A 80 21.56 -1.24 -2.34
C PRO A 80 21.40 -0.62 -0.94
N GLY A 81 21.80 -1.36 0.10
CA GLY A 81 21.69 -0.92 1.52
C GLY A 81 20.25 -0.81 2.00
N PHE A 82 19.32 -1.53 1.34
CA PHE A 82 17.89 -1.63 1.70
C PHE A 82 17.77 -2.17 3.12
N ASP A 83 17.11 -1.42 3.99
CA ASP A 83 16.96 -1.81 5.41
C ASP A 83 15.45 -1.95 5.65
N LEU A 84 15.00 -3.14 5.97
CA LEU A 84 13.56 -3.49 6.04
C LEU A 84 12.90 -2.70 7.17
N ALA A 85 13.52 -2.66 8.35
CA ALA A 85 13.02 -1.89 9.51
C ALA A 85 12.93 -0.38 9.18
N ALA A 86 13.83 0.17 8.38
CA ALA A 86 13.75 1.58 7.93
C ALA A 86 12.52 1.73 7.03
N ALA A 87 12.42 0.84 6.04
CA ALA A 87 11.31 0.85 5.05
C ALA A 87 9.97 0.78 5.80
N LEU A 88 9.87 -0.14 6.77
CA LEU A 88 8.63 -0.29 7.55
C LEU A 88 8.33 1.03 8.26
N ARG A 89 9.33 1.75 8.80
CA ARG A 89 9.04 2.96 9.64
C ARG A 89 8.56 4.09 8.75
N ALA A 90 9.10 4.16 7.54
CA ALA A 90 8.72 5.15 6.53
C ALA A 90 7.28 4.85 6.10
N GLN A 91 6.97 3.56 5.93
CA GLN A 91 5.62 3.13 5.49
C GLN A 91 4.65 3.45 6.65
N ARG A 92 5.12 3.33 7.87
CA ARG A 92 4.23 3.55 9.03
C ARG A 92 3.69 4.98 8.93
N GLU A 93 4.60 5.92 8.75
CA GLU A 93 4.38 7.40 8.72
C GLU A 93 3.34 7.77 7.66
N ARG A 94 3.45 7.18 6.49
CA ARG A 94 2.59 7.43 5.34
C ARG A 94 1.22 6.78 5.54
N LEU A 95 1.18 5.57 6.08
CA LEU A 95 -0.10 4.93 6.46
C LEU A 95 -0.80 5.72 7.57
N ALA A 96 -0.06 6.13 8.60
CA ALA A 96 -0.64 6.96 9.69
C ALA A 96 -1.24 8.23 9.05
N ALA A 97 -0.52 8.86 8.14
CA ALA A 97 -0.98 10.14 7.57
C ALA A 97 -2.32 9.90 6.83
N GLN A 98 -2.43 8.79 6.09
CA GLN A 98 -3.68 8.40 5.37
C GLN A 98 -4.82 8.17 6.39
N ALA A 99 -4.56 7.51 7.50
CA ALA A 99 -5.57 7.28 8.56
C ALA A 99 -6.07 8.64 9.10
N GLU A 100 -5.16 9.59 9.30
CA GLU A 100 -5.45 10.96 9.83
C GLU A 100 -6.25 11.73 8.77
N ARG A 101 -5.82 11.72 7.51
CA ARG A 101 -6.65 12.33 6.44
C ARG A 101 -8.09 11.80 6.47
N TYR A 102 -8.30 10.49 6.56
CA TYR A 102 -9.67 9.92 6.44
C TYR A 102 -10.46 10.31 7.68
N ALA A 103 -9.78 10.42 8.82
CA ALA A 103 -10.43 10.72 10.10
C ALA A 103 -10.86 12.21 10.12
N ARG A 104 -10.05 13.06 9.49
CA ARG A 104 -10.29 14.51 9.30
C ARG A 104 -11.49 14.69 8.37
N LEU A 105 -11.56 13.92 7.28
CA LEU A 105 -12.72 14.00 6.34
C LEU A 105 -14.00 13.54 7.03
N VAL A 106 -13.95 12.59 7.95
CA VAL A 106 -15.18 12.23 8.74
C VAL A 106 -15.57 13.46 9.59
N ASP A 107 -14.59 14.12 10.20
CA ASP A 107 -14.85 15.32 11.05
C ASP A 107 -15.53 16.36 10.19
N VAL A 108 -15.10 16.48 8.93
CA VAL A 108 -15.69 17.50 8.03
C VAL A 108 -17.15 17.14 7.76
N VAL A 109 -17.41 15.89 7.39
CA VAL A 109 -18.82 15.41 7.27
C VAL A 109 -19.61 15.73 8.54
N ASP A 110 -19.10 15.39 9.72
CA ASP A 110 -19.80 15.61 11.01
C ASP A 110 -20.15 17.09 11.22
N ARG A 111 -19.20 17.97 10.94
CA ARG A 111 -19.39 19.39 11.14
C ARG A 111 -20.44 19.92 10.17
N THR A 112 -20.44 19.40 8.95
CA THR A 112 -21.32 19.82 7.83
C THR A 112 -22.75 19.34 8.15
N LEU A 113 -22.93 18.09 8.56
CA LEU A 113 -24.25 17.54 8.94
C LEU A 113 -24.88 18.42 10.02
N ALA A 114 -24.12 18.80 11.03
CA ALA A 114 -24.62 19.48 12.25
C ALA A 114 -25.01 20.90 11.86
N ASP A 115 -24.23 21.54 11.01
CA ASP A 115 -24.58 22.87 10.48
C ASP A 115 -25.90 22.76 9.73
N LEU A 116 -25.93 21.78 8.84
CA LEU A 116 -27.03 21.54 7.89
C LEU A 116 -28.36 21.32 8.64
N GLU A 117 -28.33 20.57 9.72
CA GLU A 117 -29.51 20.28 10.56
C GLU A 117 -29.63 21.32 11.67
N GLY A 118 -28.78 22.37 11.63
CA GLY A 118 -28.76 23.50 12.57
C GLY A 118 -29.19 24.75 11.83
N ASP A 119 -28.71 25.92 12.26
CA ASP A 119 -29.10 27.25 11.69
C ASP A 119 -28.34 27.60 10.40
N GLU A 120 -27.44 26.72 9.95
CA GLU A 120 -26.64 26.87 8.72
C GLU A 120 -25.79 28.15 8.77
N THR A 121 -25.22 28.44 9.92
CA THR A 121 -24.36 29.62 10.15
C THR A 121 -22.86 29.28 9.98
N MET A 122 -22.47 28.01 9.93
CA MET A 122 -21.02 27.65 9.82
C MET A 122 -20.42 28.38 8.59
N ASP A 123 -19.26 28.97 8.79
CA ASP A 123 -18.46 29.61 7.73
C ASP A 123 -18.25 28.60 6.58
N ASP A 124 -18.43 29.08 5.35
CA ASP A 124 -18.16 28.36 4.09
C ASP A 124 -16.78 27.70 4.03
N LYS A 125 -15.73 28.29 4.60
CA LYS A 125 -14.37 27.74 4.35
C LYS A 125 -14.28 26.36 5.00
N HIS A 126 -15.08 26.11 6.02
CA HIS A 126 -14.98 24.87 6.82
C HIS A 126 -15.46 23.66 6.04
N LEU A 127 -16.20 23.88 4.95
CA LEU A 127 -16.67 22.82 4.03
C LEU A 127 -15.47 22.15 3.37
N PHE A 128 -14.34 22.86 3.24
CA PHE A 128 -13.25 22.43 2.33
C PHE A 128 -11.94 22.12 3.02
N GLU A 129 -11.82 22.26 4.32
CA GLU A 129 -10.57 21.91 5.05
C GLU A 129 -10.46 20.39 5.03
N GLY A 130 -9.30 19.82 4.75
CA GLY A 130 -9.16 18.36 4.95
C GLY A 130 -8.92 17.63 3.65
N PHE A 131 -9.29 18.17 2.55
CA PHE A 131 -9.08 17.47 1.25
C PHE A 131 -7.58 17.50 0.88
N ASP A 132 -7.16 16.41 0.24
CA ASP A 132 -5.75 16.13 -0.13
C ASP A 132 -5.38 17.04 -1.32
N PRO A 133 -4.46 18.01 -1.16
CA PRO A 133 -4.10 18.88 -2.26
C PRO A 133 -3.36 18.15 -3.39
N GLU A 134 -2.66 17.09 -3.01
CA GLU A 134 -1.88 16.29 -3.96
C GLU A 134 -2.85 15.63 -4.93
N LYS A 135 -3.89 15.02 -4.39
CA LYS A 135 -4.93 14.33 -5.21
C LYS A 135 -5.68 15.32 -6.10
N GLN A 136 -5.69 16.59 -5.71
CA GLN A 136 -6.36 17.63 -6.52
C GLN A 136 -5.43 18.02 -7.67
N ALA A 137 -4.15 18.19 -7.39
CA ALA A 137 -3.19 18.55 -8.46
C ALA A 137 -3.18 17.47 -9.55
N ARG A 138 -3.13 16.20 -9.15
CA ARG A 138 -3.07 15.07 -10.10
C ARG A 138 -4.36 15.00 -10.91
N HIS A 139 -5.40 15.70 -10.49
CA HIS A 139 -6.71 15.68 -11.19
C HIS A 139 -6.85 16.92 -12.05
N GLU A 140 -6.34 18.03 -11.57
CA GLU A 140 -6.35 19.23 -12.43
C GLU A 140 -5.38 19.01 -13.57
N ALA A 141 -4.26 18.37 -13.28
CA ALA A 141 -3.27 18.04 -14.35
C ALA A 141 -3.87 17.13 -15.42
N TRP A 142 -4.74 16.22 -15.01
CA TRP A 142 -5.44 15.26 -15.89
C TRP A 142 -6.45 15.99 -16.77
N LEU A 143 -7.09 17.02 -16.21
CA LEU A 143 -8.14 17.78 -16.94
C LEU A 143 -7.55 18.61 -18.07
N VAL A 144 -6.24 18.90 -18.03
CA VAL A 144 -5.54 19.58 -19.16
C VAL A 144 -5.27 18.55 -20.28
N GLU A 145 -5.60 17.27 -20.04
CA GLU A 145 -5.37 16.11 -20.94
C GLU A 145 -3.89 16.06 -21.33
#